data_6PD8
#
_entry.id   6PD8
#
_cell.length_a   46.067
_cell.length_b   56.656
_cell.length_c   123.041
_cell.angle_alpha   90.00
_cell.angle_beta   90.00
_cell.angle_gamma   90.00
#
_symmetry.space_group_name_H-M   'P 21 21 21'
#
loop_
_entity.id
_entity.type
_entity.pdbx_description
1 polymer 'Histone acetyltransferase KAT8'
2 non-polymer 'ZINC ION'
3 non-polymer 'SODIUM ION'
4 non-polymer GLYCEROL
5 non-polymer "5-ethoxy-2-fluoro-3-methyl-N'-(phenylsulfonyl)benzohydrazide"
6 water water
#
_entity_poly.entity_id   1
_entity_poly.type   'polypeptide(L)'
_entity_poly.pdbx_seq_one_letter_code
;KYVDKIHIGNYEIDAWYFSPFPEDYGKQPKLWLCEYCLKYMKYEKSYRFHLGQCQWRQPPGKEIYRKSNISVHEVDGKDH
KIYCQNLCLLAKLFLDH(ALY)TLYFDVEPFVFYILTEVDRQGAHIVGYFSKEKESPDGNNVSCIMILPPYQRRGYGRFL
IAFSYELSKLESTVGSPEKPLSDLGKLSYRSYWSSVLLENLRDFRGTLSIKDLSQMTSITQNDIISTLQSLNMVKYWKGQ
HVICVTPKLVEEHLKSAQYKKPPITVDSVCLKWAPP
;
_entity_poly.pdbx_strand_id   A
#
loop_
_chem_comp.id
_chem_comp.type
_chem_comp.name
_chem_comp.formula
GOL non-polymer GLYCEROL 'C3 H8 O3'
NA non-polymer 'SODIUM ION' 'Na 1'
O9D non-polymer 5-ethoxy-2-fluoro-3-methyl-N'-(phenylsulfonyl)benzohydrazide 'C16 H17 F N2 O4 S'
ZN non-polymer 'ZINC ION' 'Zn 2'
#
# COMPACT_ATOMS: atom_id res chain seq x y z
N LYS A 1 27.11 -11.57 -5.18
CA LYS A 1 26.35 -12.04 -4.04
C LYS A 1 25.50 -10.91 -3.46
N TYR A 2 24.19 -11.10 -3.42
CA TYR A 2 23.27 -10.04 -3.04
C TYR A 2 22.71 -10.24 -1.63
N VAL A 3 22.17 -9.14 -1.08
CA VAL A 3 21.35 -9.21 0.13
C VAL A 3 20.28 -10.28 -0.04
N ASP A 4 20.17 -11.16 0.95
CA ASP A 4 19.16 -12.20 0.90
C ASP A 4 18.44 -12.37 2.24
N LYS A 5 18.73 -11.52 3.21
CA LYS A 5 18.14 -11.62 4.54
C LYS A 5 18.31 -10.29 5.27
N ILE A 6 17.22 -9.76 5.82
CA ILE A 6 17.30 -8.51 6.55
C ILE A 6 16.84 -8.74 7.97
N HIS A 7 17.47 -8.04 8.89
CA HIS A 7 16.96 -7.88 10.24
C HIS A 7 16.44 -6.47 10.39
N ILE A 8 15.18 -6.34 10.78
CA ILE A 8 14.55 -5.03 10.92
C ILE A 8 13.56 -5.12 12.07
N GLY A 9 13.62 -4.15 12.97
CA GLY A 9 12.86 -4.28 14.20
C GLY A 9 13.22 -5.59 14.88
N ASN A 10 12.19 -6.37 15.20
CA ASN A 10 12.37 -7.67 15.83
C ASN A 10 12.18 -8.82 14.85
N TYR A 11 12.13 -8.52 13.55
CA TYR A 11 11.93 -9.54 12.52
C TYR A 11 13.21 -9.79 11.72
N GLU A 12 13.40 -11.05 11.36
CA GLU A 12 14.31 -11.45 10.30
C GLU A 12 13.47 -11.88 9.11
N ILE A 13 13.84 -11.39 7.91
CA ILE A 13 13.02 -11.60 6.72
C ILE A 13 13.91 -12.02 5.56
N ASP A 14 13.55 -13.11 4.90
CA ASP A 14 14.24 -13.54 3.68
C ASP A 14 13.87 -12.63 2.52
N ALA A 15 14.85 -12.30 1.68
CA ALA A 15 14.57 -11.53 0.49
C ALA A 15 13.85 -12.38 -0.56
N TRP A 16 13.13 -11.70 -1.46
CA TRP A 16 12.48 -12.32 -2.60
C TRP A 16 13.11 -11.94 -3.93
N TYR A 17 13.74 -10.77 -4.01
CA TYR A 17 14.27 -10.28 -5.27
C TYR A 17 15.57 -9.54 -5.02
N PHE A 18 16.31 -9.32 -6.10
CA PHE A 18 17.51 -8.51 -6.00
C PHE A 18 17.15 -7.05 -5.73
N SER A 19 17.89 -6.42 -4.82
CA SER A 19 17.74 -5.00 -4.55
C SER A 19 19.12 -4.34 -4.63
N PRO A 20 19.24 -3.22 -5.32
CA PRO A 20 20.57 -2.65 -5.62
C PRO A 20 21.17 -1.83 -4.48
N PHE A 21 21.36 -2.48 -3.32
CA PHE A 21 22.20 -1.90 -2.29
C PHE A 21 23.63 -1.83 -2.82
N PRO A 22 24.47 -0.95 -2.26
CA PRO A 22 25.88 -0.93 -2.64
C PRO A 22 26.53 -2.30 -2.49
N GLU A 23 27.51 -2.56 -3.37
CA GLU A 23 28.17 -3.87 -3.43
C GLU A 23 28.71 -4.31 -2.07
N ASP A 24 29.14 -3.35 -1.25
CA ASP A 24 29.71 -3.68 0.06
C ASP A 24 28.64 -4.24 0.99
N TYR A 25 27.41 -3.72 0.89
CA TYR A 25 26.33 -4.16 1.76
C TYR A 25 25.73 -5.50 1.30
N GLY A 26 25.47 -5.62 -0.01
CA GLY A 26 24.92 -6.85 -0.55
C GLY A 26 25.75 -8.07 -0.19
N LYS A 27 27.06 -7.96 -0.34
CA LYS A 27 27.98 -9.06 -0.10
C LYS A 27 27.85 -9.67 1.29
N GLN A 28 27.16 -8.98 2.21
CA GLN A 28 26.98 -9.47 3.57
C GLN A 28 25.91 -10.56 3.62
N PRO A 29 25.95 -11.45 4.64
CA PRO A 29 24.88 -12.45 4.77
C PRO A 29 23.58 -11.73 5.06
N LYS A 30 23.59 -10.95 6.14
CA LYS A 30 22.43 -10.24 6.65
C LYS A 30 22.67 -8.74 6.62
N LEU A 31 21.61 -8.00 6.33
CA LEU A 31 21.58 -6.54 6.44
C LEU A 31 20.67 -6.16 7.60
N TRP A 32 21.05 -5.08 8.30
CA TRP A 32 20.41 -4.68 9.55
C TRP A 32 19.86 -3.28 9.37
N LEU A 33 18.56 -3.13 9.56
CA LEU A 33 17.86 -1.88 9.30
C LEU A 33 17.25 -1.32 10.57
N CYS A 34 17.56 -0.05 10.85
CA CYS A 34 16.78 0.69 11.83
C CYS A 34 15.34 0.74 11.34
N GLU A 35 14.40 0.37 12.21
CA GLU A 35 13.00 0.36 11.80
C GLU A 35 12.37 1.75 11.77
N TYR A 36 13.06 2.77 12.31
CA TYR A 36 12.52 4.12 12.38
C TYR A 36 13.10 5.05 11.31
N CYS A 37 14.42 5.12 11.20
CA CYS A 37 15.06 5.96 10.19
C CYS A 37 15.43 5.20 8.93
N LEU A 38 15.32 3.86 8.96
CA LEU A 38 15.59 2.98 7.82
C LEU A 38 17.04 2.96 7.39
N LYS A 39 17.97 3.36 8.26
CA LYS A 39 19.39 3.21 7.96
C LYS A 39 19.74 1.71 7.94
N TYR A 40 20.48 1.30 6.92
CA TYR A 40 20.92 -0.08 6.81
C TYR A 40 22.39 -0.20 7.16
N MET A 41 22.76 -1.38 7.68
CA MET A 41 24.04 -1.57 8.34
C MET A 41 24.56 -2.97 8.06
N LYS A 42 25.90 -3.10 8.06
CA LYS A 42 26.56 -4.35 7.71
C LYS A 42 26.73 -5.31 8.89
N TYR A 43 26.72 -4.79 10.12
CA TYR A 43 27.04 -5.60 11.29
C TYR A 43 26.01 -5.40 12.38
N GLU A 44 25.93 -6.39 13.26
CA GLU A 44 25.02 -6.30 14.41
C GLU A 44 25.54 -5.29 15.43
N LYS A 45 26.85 -5.14 15.54
CA LYS A 45 27.40 -4.21 16.51
C LYS A 45 27.08 -2.76 16.13
N SER A 46 27.20 -2.42 14.85
CA SER A 46 26.75 -1.11 14.41
C SER A 46 25.25 -0.98 14.57
N TYR A 47 24.51 -2.06 14.30
CA TYR A 47 23.07 -2.05 14.53
C TYR A 47 22.75 -1.80 16.00
N ARG A 48 23.38 -2.57 16.90
CA ARG A 48 23.12 -2.39 18.32
C ARG A 48 23.53 -1.01 18.79
N PHE A 49 24.62 -0.45 18.24
CA PHE A 49 25.03 0.87 18.65
C PHE A 49 24.06 1.93 18.16
N HIS A 50 23.56 1.78 16.93
CA HIS A 50 22.59 2.73 16.39
C HIS A 50 21.30 2.70 17.19
N LEU A 51 20.87 1.52 17.62
CA LEU A 51 19.65 1.38 18.41
C LEU A 51 19.70 2.27 19.66
N GLY A 52 20.77 2.15 20.44
CA GLY A 52 20.94 3.02 21.60
C GLY A 52 21.06 4.49 21.27
N GLN A 53 21.35 4.81 20.02
CA GLN A 53 21.56 6.20 19.59
C GLN A 53 20.32 6.81 18.93
N CYS A 54 19.69 6.07 18.02
CA CYS A 54 18.58 6.60 17.22
C CYS A 54 17.52 7.23 18.12
N GLN A 55 17.23 8.50 17.85
CA GLN A 55 16.19 9.22 18.56
C GLN A 55 14.86 9.21 17.85
N TRP A 56 14.83 8.74 16.60
CA TRP A 56 13.57 8.56 15.91
C TRP A 56 12.77 7.43 16.55
N ARG A 57 11.47 7.67 16.75
CA ARG A 57 10.56 6.61 17.17
C ARG A 57 9.37 6.49 16.23
N GLN A 58 9.48 7.04 15.01
CA GLN A 58 8.41 7.05 14.03
C GLN A 58 8.93 7.57 12.68
N PRO A 59 8.19 7.39 11.58
CA PRO A 59 8.68 7.90 10.29
C PRO A 59 8.71 9.41 10.28
N PRO A 60 9.49 10.01 9.38
CA PRO A 60 9.49 11.47 9.26
C PRO A 60 8.20 11.96 8.62
N GLY A 61 8.17 13.22 8.23
CA GLY A 61 6.96 13.70 7.60
C GLY A 61 5.81 13.84 8.58
N LYS A 62 4.64 14.14 8.01
CA LYS A 62 3.44 14.46 8.76
C LYS A 62 2.56 13.23 8.92
N GLU A 63 2.02 13.06 10.13
CA GLU A 63 1.05 12.02 10.39
C GLU A 63 -0.31 12.50 9.92
N ILE A 64 -0.78 11.96 8.80
CA ILE A 64 -2.05 12.39 8.22
C ILE A 64 -3.18 11.43 8.52
N TYR A 65 -2.92 10.37 9.30
CA TYR A 65 -3.98 9.48 9.76
C TYR A 65 -3.55 8.83 11.05
N ARG A 66 -4.45 8.84 12.03
CA ARG A 66 -4.21 8.16 13.30
C ARG A 66 -5.56 7.82 13.90
N LYS A 67 -5.92 6.54 13.86
CA LYS A 67 -7.01 6.01 14.67
C LYS A 67 -6.45 4.84 15.48
N SER A 68 -6.57 4.93 16.80
CA SER A 68 -6.02 3.93 17.73
C SER A 68 -4.52 3.88 17.52
N ASN A 69 -3.92 2.71 17.30
CA ASN A 69 -2.49 2.58 17.07
C ASN A 69 -2.15 2.35 15.60
N ILE A 70 -3.10 2.58 14.70
CA ILE A 70 -2.85 2.55 13.26
C ILE A 70 -2.56 3.98 12.83
N SER A 71 -1.55 4.14 11.96
CA SER A 71 -1.00 5.46 11.68
C SER A 71 -0.45 5.45 10.26
N VAL A 72 -0.58 6.59 9.59
CA VAL A 72 0.01 6.80 8.27
C VAL A 72 0.77 8.12 8.30
N HIS A 73 1.97 8.09 7.76
CA HIS A 73 2.82 9.26 7.65
C HIS A 73 3.00 9.61 6.18
N GLU A 74 2.90 10.89 5.87
CA GLU A 74 3.13 11.41 4.54
C GLU A 74 4.54 11.97 4.45
N VAL A 75 5.33 11.46 3.52
CA VAL A 75 6.75 11.79 3.41
C VAL A 75 7.04 12.18 1.97
N ASP A 76 7.54 13.39 1.78
CA ASP A 76 7.84 13.91 0.45
C ASP A 76 9.26 13.50 0.07
N GLY A 77 9.41 12.94 -1.13
CA GLY A 77 10.72 12.49 -1.57
C GLY A 77 11.72 13.62 -1.74
N LYS A 78 11.26 14.82 -2.04
CA LYS A 78 12.16 15.96 -2.16
C LYS A 78 12.69 16.41 -0.80
N ASP A 79 11.90 16.24 0.25
CA ASP A 79 12.26 16.72 1.58
C ASP A 79 12.88 15.67 2.49
N HIS A 80 12.81 14.39 2.11
CA HIS A 80 13.38 13.31 2.92
C HIS A 80 14.02 12.30 1.99
N LYS A 81 14.97 12.79 1.18
CA LYS A 81 15.50 12.04 0.04
C LYS A 81 16.16 10.73 0.48
N ILE A 82 17.07 10.80 1.45
CA ILE A 82 17.79 9.61 1.89
C ILE A 82 16.81 8.58 2.44
N TYR A 83 15.89 9.03 3.31
CA TYR A 83 14.92 8.12 3.91
C TYR A 83 14.10 7.41 2.84
N CYS A 84 13.54 8.17 1.89
CA CYS A 84 12.72 7.56 0.85
C CYS A 84 13.53 6.63 -0.05
N GLN A 85 14.83 6.86 -0.20
CA GLN A 85 15.64 5.94 -0.99
C GLN A 85 15.85 4.61 -0.27
N ASN A 86 16.10 4.66 1.04
CA ASN A 86 16.22 3.42 1.80
C ASN A 86 14.92 2.62 1.75
N LEU A 87 13.79 3.33 1.80
CA LEU A 87 12.49 2.69 1.67
C LEU A 87 12.38 1.93 0.35
N CYS A 88 12.82 2.54 -0.75
CA CYS A 88 12.70 1.89 -2.05
C CYS A 88 13.62 0.68 -2.14
N LEU A 89 14.82 0.78 -1.56
CA LEU A 89 15.71 -0.38 -1.49
C LEU A 89 15.09 -1.50 -0.66
N LEU A 90 14.46 -1.14 0.46
CA LEU A 90 13.76 -2.14 1.26
C LEU A 90 12.59 -2.73 0.49
N ALA A 91 11.88 -1.90 -0.28
CA ALA A 91 10.69 -2.38 -0.98
C ALA A 91 11.05 -3.28 -2.15
N LYS A 92 12.18 -3.00 -2.81
CA LYS A 92 12.62 -3.78 -3.96
C LYS A 92 13.05 -5.19 -3.58
N LEU A 93 13.30 -5.45 -2.29
CA LEU A 93 13.57 -6.82 -1.84
C LEU A 93 12.36 -7.72 -1.99
N PHE A 94 11.16 -7.16 -2.02
CA PHE A 94 9.92 -7.92 -2.08
C PHE A 94 9.04 -7.52 -3.25
N LEU A 95 9.54 -6.67 -4.15
CA LEU A 95 8.83 -6.26 -5.36
C LEU A 95 9.68 -6.57 -6.57
N ASP A 96 9.15 -7.37 -7.48
CA ASP A 96 9.89 -7.71 -8.70
C ASP A 96 9.93 -6.51 -9.64
N HIS A 97 8.82 -5.81 -9.80
CA HIS A 97 8.67 -4.87 -10.90
C HIS A 97 9.06 -3.41 -10.60
OH ALY A 98 8.04 2.84 -4.30
CH ALY A 98 8.75 3.18 -5.27
CH3 ALY A 98 8.42 4.37 -6.13
NZ ALY A 98 9.90 2.48 -5.61
CE ALY A 98 10.39 1.32 -4.94
CD ALY A 98 9.93 -0.04 -5.47
CG ALY A 98 10.12 -0.15 -6.98
CB ALY A 98 9.75 -1.54 -7.42
CA ALY A 98 9.67 -1.75 -8.94
N ALY A 98 9.21 -3.08 -9.32
C ALY A 98 11.04 -1.51 -9.55
O ALY A 98 11.95 -2.33 -9.50
N THR A 99 11.22 -0.34 -10.16
CA THR A 99 12.47 -0.05 -10.86
C THR A 99 13.17 1.22 -10.41
N LEU A 100 12.46 2.06 -9.68
CA LEU A 100 12.95 3.40 -9.39
C LEU A 100 13.21 3.53 -7.89
N TYR A 101 14.49 3.55 -7.51
CA TYR A 101 14.91 3.48 -6.12
C TYR A 101 15.54 4.75 -5.60
N PHE A 102 16.28 5.48 -6.43
CA PHE A 102 17.05 6.63 -5.98
C PHE A 102 16.44 7.96 -6.41
N ASP A 103 15.67 7.98 -7.50
CA ASP A 103 15.02 9.20 -7.99
C ASP A 103 13.67 9.36 -7.32
N VAL A 104 13.71 9.82 -6.06
CA VAL A 104 12.52 9.78 -5.20
C VAL A 104 11.84 11.14 -5.08
N GLU A 105 12.43 12.21 -5.62
CA GLU A 105 11.78 13.53 -5.55
C GLU A 105 10.39 13.59 -6.18
N PRO A 106 10.09 12.91 -7.29
CA PRO A 106 8.75 13.04 -7.88
C PRO A 106 7.66 12.30 -7.11
N PHE A 107 8.00 11.63 -6.01
CA PHE A 107 7.05 10.78 -5.32
C PHE A 107 6.78 11.30 -3.91
N VAL A 108 5.62 10.91 -3.42
CA VAL A 108 5.24 11.03 -2.02
C VAL A 108 4.95 9.61 -1.53
N PHE A 109 5.34 9.33 -0.29
CA PHE A 109 5.28 8.00 0.27
C PHE A 109 4.38 8.01 1.50
N TYR A 110 3.56 6.97 1.62
CA TYR A 110 2.58 6.87 2.70
C TYR A 110 2.95 5.68 3.57
N ILE A 111 3.54 5.96 4.72
CA ILE A 111 4.11 4.94 5.59
C ILE A 111 3.04 4.48 6.56
N LEU A 112 2.74 3.19 6.55
CA LEU A 112 1.77 2.60 7.46
C LEU A 112 2.49 2.02 8.67
N THR A 113 2.15 2.51 9.86
CA THR A 113 2.79 2.05 11.09
C THR A 113 1.75 1.56 12.10
N GLU A 114 2.19 0.58 12.89
CA GLU A 114 1.48 0.04 14.03
C GLU A 114 2.24 0.46 15.29
N VAL A 115 1.52 1.00 16.28
CA VAL A 115 2.13 1.71 17.40
C VAL A 115 1.96 0.92 18.69
N ASP A 116 3.00 0.94 19.51
CA ASP A 116 2.92 0.48 20.90
C ASP A 116 3.71 1.47 21.76
N ARG A 117 4.01 1.08 23.00
CA ARG A 117 4.78 1.94 23.89
C ARG A 117 6.17 2.23 23.34
N GLN A 118 6.72 1.34 22.50
CA GLN A 118 8.08 1.51 22.01
C GLN A 118 8.20 2.43 20.81
N GLY A 119 7.11 2.64 20.07
CA GLY A 119 7.15 3.54 18.93
C GLY A 119 6.26 3.05 17.80
N ALA A 120 6.46 3.66 16.63
CA ALA A 120 5.60 3.44 15.47
C ALA A 120 6.31 2.48 14.51
N HIS A 121 5.87 1.23 14.48
CA HIS A 121 6.58 0.19 13.76
C HIS A 121 6.04 0.05 12.34
N ILE A 122 6.95 0.02 11.38
CA ILE A 122 6.57 0.10 9.98
C ILE A 122 5.97 -1.23 9.53
N VAL A 123 4.87 -1.15 8.81
CA VAL A 123 4.16 -2.33 8.31
C VAL A 123 4.28 -2.44 6.80
N GLY A 124 4.07 -1.32 6.10
CA GLY A 124 4.22 -1.27 4.67
C GLY A 124 4.09 0.17 4.22
N TYR A 125 4.02 0.36 2.91
CA TYR A 125 3.90 1.70 2.37
C TYR A 125 3.33 1.61 0.98
N PHE A 126 2.88 2.75 0.47
CA PHE A 126 2.70 2.90 -0.96
C PHE A 126 3.25 4.26 -1.37
N SER A 127 3.75 4.32 -2.61
CA SER A 127 4.21 5.55 -3.21
C SER A 127 3.17 6.04 -4.21
N LYS A 128 3.38 7.27 -4.67
CA LYS A 128 2.39 7.95 -5.49
C LYS A 128 3.09 9.12 -6.17
N GLU A 129 2.82 9.28 -7.46
CA GLU A 129 3.44 10.35 -8.23
C GLU A 129 2.74 11.67 -7.93
N LYS A 130 3.54 12.69 -7.60
CA LYS A 130 3.01 14.03 -7.39
C LYS A 130 2.10 14.43 -8.53
N GLU A 131 2.57 14.27 -9.77
CA GLU A 131 1.77 14.48 -10.97
C GLU A 131 1.72 13.16 -11.72
N SER A 132 0.57 12.48 -11.67
CA SER A 132 0.39 11.24 -12.44
C SER A 132 -0.46 11.51 -13.66
N PRO A 133 0.14 11.69 -14.85
CA PRO A 133 -0.69 11.93 -16.04
C PRO A 133 -1.59 10.76 -16.39
N ASP A 134 -1.10 9.53 -16.21
CA ASP A 134 -1.88 8.32 -16.47
C ASP A 134 -2.96 8.09 -15.46
N GLY A 135 -3.18 9.01 -14.52
CA GLY A 135 -4.17 8.82 -13.48
C GLY A 135 -3.99 7.53 -12.69
N ASN A 136 -2.82 7.39 -12.07
CA ASN A 136 -2.53 6.29 -11.16
C ASN A 136 -2.34 6.85 -9.76
N ASN A 137 -3.22 6.45 -8.83
CA ASN A 137 -3.19 6.93 -7.45
C ASN A 137 -2.31 6.08 -6.56
N VAL A 138 -1.72 5.01 -7.09
CA VAL A 138 -0.69 4.23 -6.41
C VAL A 138 0.40 3.93 -7.44
N SER A 139 1.66 4.10 -7.03
CA SER A 139 2.79 3.76 -7.88
C SER A 139 3.31 2.37 -7.51
N CYS A 140 3.84 2.24 -6.31
CA CYS A 140 4.21 0.94 -5.76
C CYS A 140 3.61 0.81 -4.38
N ILE A 141 3.10 -0.37 -4.06
CA ILE A 141 2.53 -0.68 -2.76
C ILE A 141 3.12 -2.00 -2.28
N MET A 142 3.48 -2.06 -1.00
CA MET A 142 4.26 -3.16 -0.46
C MET A 142 3.92 -3.32 1.01
N ILE A 143 3.53 -4.53 1.39
CA ILE A 143 3.40 -4.91 2.80
C ILE A 143 4.55 -5.85 3.12
N LEU A 144 5.19 -5.63 4.27
CA LEU A 144 6.30 -6.50 4.66
C LEU A 144 5.77 -7.90 4.96
N PRO A 145 6.50 -8.95 4.59
CA PRO A 145 5.95 -10.31 4.60
C PRO A 145 5.33 -10.72 5.94
N PRO A 146 5.95 -10.45 7.09
CA PRO A 146 5.29 -10.83 8.35
C PRO A 146 3.95 -10.15 8.59
N TYR A 147 3.63 -9.09 7.84
CA TYR A 147 2.36 -8.40 7.98
C TYR A 147 1.39 -8.72 6.84
N GLN A 148 1.80 -9.49 5.84
CA GLN A 148 0.98 -9.70 4.66
C GLN A 148 -0.21 -10.59 4.99
N ARG A 149 -1.31 -10.37 4.25
CA ARG A 149 -2.54 -11.14 4.42
C ARG A 149 -3.10 -11.03 5.82
N ARG A 150 -3.09 -9.81 6.37
CA ARG A 150 -3.67 -9.59 7.68
C ARG A 150 -4.50 -8.31 7.76
N GLY A 151 -4.78 -7.66 6.64
CA GLY A 151 -5.64 -6.48 6.61
C GLY A 151 -4.92 -5.18 6.32
N TYR A 152 -3.60 -5.14 6.48
CA TYR A 152 -2.86 -3.89 6.25
C TYR A 152 -2.86 -3.52 4.78
N GLY A 153 -2.60 -4.51 3.90
CA GLY A 153 -2.68 -4.25 2.47
C GLY A 153 -4.04 -3.70 2.06
N ARG A 154 -5.11 -4.31 2.55
CA ARG A 154 -6.44 -3.81 2.27
C ARG A 154 -6.62 -2.41 2.84
N PHE A 155 -6.10 -2.16 4.04
CA PHE A 155 -6.15 -0.81 4.59
C PHE A 155 -5.47 0.18 3.66
N LEU A 156 -4.29 -0.18 3.15
CA LEU A 156 -3.54 0.75 2.30
C LEU A 156 -4.27 1.00 0.98
N ILE A 157 -4.87 -0.04 0.41
CA ILE A 157 -5.65 0.11 -0.81
C ILE A 157 -6.82 1.06 -0.57
N ALA A 158 -7.57 0.83 0.51
CA ALA A 158 -8.67 1.73 0.86
C ALA A 158 -8.17 3.15 1.10
N PHE A 159 -6.97 3.26 1.69
CA PHE A 159 -6.43 4.59 2.00
C PHE A 159 -6.02 5.33 0.74
N SER A 160 -5.44 4.63 -0.23
CA SER A 160 -5.13 5.27 -1.50
C SER A 160 -6.38 5.80 -2.17
N TYR A 161 -7.52 5.14 -1.96
CA TYR A 161 -8.75 5.56 -2.60
C TYR A 161 -9.45 6.69 -1.85
N GLU A 162 -9.27 6.76 -0.52
CA GLU A 162 -9.76 7.92 0.22
C GLU A 162 -9.08 9.19 -0.28
N LEU A 163 -7.76 9.14 -0.48
CA LEU A 163 -7.06 10.28 -1.05
C LEU A 163 -7.60 10.63 -2.43
N SER A 164 -7.95 9.60 -3.22
CA SER A 164 -8.52 9.86 -4.53
C SER A 164 -9.88 10.52 -4.43
N LYS A 165 -10.63 10.21 -3.37
CA LYS A 165 -11.93 10.86 -3.18
C LYS A 165 -11.77 12.31 -2.79
N LEU A 166 -10.74 12.63 -1.99
CA LEU A 166 -10.51 14.01 -1.57
C LEU A 166 -9.93 14.85 -2.70
N GLU A 167 -9.39 14.23 -3.75
CA GLU A 167 -8.91 14.94 -4.93
C GLU A 167 -9.96 15.00 -6.03
N SER A 168 -11.18 14.55 -5.76
CA SER A 168 -12.30 14.56 -6.71
C SER A 168 -11.96 13.85 -8.02
N THR A 169 -11.09 12.83 -7.96
CA THR A 169 -10.72 12.08 -9.14
C THR A 169 -10.84 10.59 -8.89
N VAL A 170 -10.72 9.82 -9.97
CA VAL A 170 -10.59 8.38 -9.88
C VAL A 170 -9.13 8.04 -10.15
N GLY A 171 -8.74 6.84 -9.74
CA GLY A 171 -7.37 6.39 -9.96
C GLY A 171 -7.30 4.88 -9.96
N SER A 172 -6.12 4.38 -10.33
CA SER A 172 -5.87 2.96 -10.45
C SER A 172 -4.40 2.70 -10.14
N PRO A 173 -4.07 1.55 -9.55
CA PRO A 173 -2.65 1.27 -9.30
C PRO A 173 -1.88 1.12 -10.60
N GLU A 174 -0.66 1.64 -10.60
CA GLU A 174 0.26 1.37 -11.70
C GLU A 174 0.47 -0.14 -11.84
N LYS A 175 0.58 -0.61 -13.08
CA LYS A 175 0.74 -2.03 -13.39
C LYS A 175 2.14 -2.33 -13.95
N PRO A 176 2.61 -3.59 -13.84
CA PRO A 176 1.88 -4.74 -13.32
C PRO A 176 1.88 -4.84 -11.80
N LEU A 177 0.92 -5.59 -11.27
CA LEU A 177 0.83 -5.86 -9.85
C LEU A 177 1.42 -7.24 -9.54
N SER A 178 1.97 -7.37 -8.34
CA SER A 178 2.46 -8.66 -7.90
C SER A 178 1.30 -9.64 -7.76
N ASP A 179 1.61 -10.94 -7.70
CA ASP A 179 0.59 -11.97 -7.55
C ASP A 179 -0.40 -11.56 -6.47
N LEU A 180 0.10 -11.26 -5.28
CA LEU A 180 -0.75 -10.92 -4.16
C LEU A 180 -1.40 -9.56 -4.34
N GLY A 181 -0.78 -8.67 -5.13
CA GLY A 181 -1.40 -7.38 -5.41
C GLY A 181 -2.63 -7.53 -6.29
N LYS A 182 -2.51 -8.34 -7.35
CA LYS A 182 -3.67 -8.70 -8.16
C LYS A 182 -4.83 -9.16 -7.28
N LEU A 183 -4.58 -10.14 -6.40
CA LEU A 183 -5.65 -10.73 -5.61
C LEU A 183 -6.21 -9.75 -4.58
N SER A 184 -5.37 -8.86 -4.05
CA SER A 184 -5.83 -7.93 -3.03
C SER A 184 -6.72 -6.84 -3.62
N TYR A 185 -6.42 -6.39 -4.83
CA TYR A 185 -7.24 -5.36 -5.47
C TYR A 185 -8.58 -5.92 -5.91
N ARG A 186 -8.58 -7.14 -6.48
CA ARG A 186 -9.83 -7.75 -6.88
C ARG A 186 -10.73 -8.02 -5.69
N SER A 187 -10.14 -8.41 -4.55
CA SER A 187 -10.92 -8.64 -3.35
C SER A 187 -11.50 -7.33 -2.80
N TYR A 188 -10.69 -6.27 -2.81
CA TYR A 188 -11.17 -4.97 -2.34
C TYR A 188 -12.25 -4.42 -3.24
N TRP A 189 -12.02 -4.48 -4.56
CA TRP A 189 -13.00 -3.97 -5.51
C TRP A 189 -14.32 -4.71 -5.37
N SER A 190 -14.26 -6.04 -5.34
CA SER A 190 -15.46 -6.84 -5.11
C SER A 190 -16.21 -6.36 -3.87
N SER A 191 -15.49 -6.27 -2.74
CA SER A 191 -16.12 -5.94 -1.46
C SER A 191 -16.82 -4.59 -1.53
N VAL A 192 -16.13 -3.57 -2.04
CA VAL A 192 -16.66 -2.21 -2.00
C VAL A 192 -17.83 -2.07 -2.98
N LEU A 193 -17.66 -2.59 -4.20
CA LEU A 193 -18.73 -2.53 -5.19
C LEU A 193 -19.94 -3.33 -4.72
N LEU A 194 -19.73 -4.57 -4.29
CA LEU A 194 -20.83 -5.38 -3.77
C LEU A 194 -21.52 -4.70 -2.60
N GLU A 195 -20.74 -4.19 -1.65
CA GLU A 195 -21.32 -3.51 -0.49
C GLU A 195 -22.19 -2.34 -0.93
N ASN A 196 -21.75 -1.59 -1.94
CA ASN A 196 -22.54 -0.45 -2.41
C ASN A 196 -23.79 -0.90 -3.15
N LEU A 197 -23.75 -2.05 -3.83
CA LEU A 197 -24.90 -2.47 -4.63
C LEU A 197 -26.07 -2.91 -3.74
N ARG A 198 -25.79 -3.71 -2.71
CA ARG A 198 -26.84 -4.16 -1.81
C ARG A 198 -27.40 -3.02 -0.97
N ASP A 199 -26.58 -2.01 -0.69
CA ASP A 199 -27.03 -0.83 0.05
C ASP A 199 -28.00 -0.02 -0.79
N LEU A 204 -28.08 2.15 -9.40
CA LEU A 204 -26.67 2.53 -9.46
C LEU A 204 -26.06 2.20 -10.81
N SER A 205 -25.65 3.24 -11.54
CA SER A 205 -24.98 3.01 -12.82
C SER A 205 -23.53 2.57 -12.57
N ILE A 206 -22.83 2.28 -13.67
CA ILE A 206 -21.40 2.01 -13.56
C ILE A 206 -20.66 3.31 -13.29
N LYS A 207 -21.12 4.42 -13.88
CA LYS A 207 -20.48 5.72 -13.66
C LYS A 207 -20.67 6.25 -12.25
N ASP A 208 -21.73 5.84 -11.57
CA ASP A 208 -21.97 6.34 -10.21
C ASP A 208 -21.28 5.47 -9.17
N LEU A 209 -21.16 4.17 -9.44
CA LEU A 209 -20.21 3.36 -8.69
C LEU A 209 -18.81 3.97 -8.75
N SER A 210 -18.44 4.49 -9.92
CA SER A 210 -17.12 5.09 -10.11
C SER A 210 -16.94 6.33 -9.23
N GLN A 211 -17.94 7.21 -9.20
CA GLN A 211 -17.83 8.45 -8.46
C GLN A 211 -18.04 8.29 -6.96
N MET A 212 -18.62 7.18 -6.52
CA MET A 212 -18.75 6.89 -5.10
C MET A 212 -17.50 6.25 -4.52
N THR A 213 -16.65 5.64 -5.36
CA THR A 213 -15.55 4.82 -4.90
C THR A 213 -14.17 5.30 -5.35
N SER A 214 -14.10 6.17 -6.36
CA SER A 214 -12.88 6.60 -7.05
C SER A 214 -12.23 5.45 -7.82
N ILE A 215 -12.88 4.29 -7.88
CA ILE A 215 -12.42 3.20 -8.74
C ILE A 215 -12.75 3.53 -10.19
N THR A 216 -11.76 3.38 -11.07
CA THR A 216 -11.99 3.66 -12.48
C THR A 216 -13.10 2.77 -13.03
N GLN A 217 -13.66 3.19 -14.17
CA GLN A 217 -14.73 2.40 -14.77
C GLN A 217 -14.20 1.09 -15.35
N ASN A 218 -12.96 1.09 -15.83
CA ASN A 218 -12.34 -0.16 -16.28
C ASN A 218 -12.21 -1.14 -15.14
N ASP A 219 -11.76 -0.67 -13.98
CA ASP A 219 -11.61 -1.56 -12.83
C ASP A 219 -12.96 -2.08 -12.37
N ILE A 220 -13.99 -1.24 -12.41
CA ILE A 220 -15.34 -1.67 -12.01
C ILE A 220 -15.87 -2.72 -12.98
N ILE A 221 -15.77 -2.45 -14.28
CA ILE A 221 -16.34 -3.35 -15.28
C ILE A 221 -15.64 -4.71 -15.21
N SER A 222 -14.32 -4.72 -15.08
CA SER A 222 -13.60 -5.98 -15.05
C SER A 222 -13.95 -6.79 -13.81
N THR A 223 -14.17 -6.10 -12.67
CA THR A 223 -14.56 -6.79 -11.46
C THR A 223 -15.97 -7.36 -11.57
N LEU A 224 -16.89 -6.57 -12.13
CA LEU A 224 -18.25 -7.08 -12.31
C LEU A 224 -18.30 -8.20 -13.33
N GLN A 225 -17.34 -8.23 -14.27
CA GLN A 225 -17.26 -9.36 -15.19
C GLN A 225 -16.82 -10.63 -14.49
N SER A 226 -15.92 -10.51 -13.52
CA SER A 226 -15.53 -11.65 -12.71
C SER A 226 -16.65 -12.11 -11.79
N LEU A 227 -17.46 -11.18 -11.27
CA LEU A 227 -18.66 -11.51 -10.53
C LEU A 227 -19.80 -11.94 -11.44
N ASN A 228 -19.65 -11.74 -12.74
CA ASN A 228 -20.71 -12.02 -13.72
C ASN A 228 -21.98 -11.24 -13.40
N MET A 229 -21.83 -9.92 -13.24
CA MET A 229 -22.95 -9.04 -12.88
C MET A 229 -23.12 -7.90 -13.87
N VAL A 230 -22.66 -8.07 -15.11
CA VAL A 230 -22.70 -7.02 -16.11
C VAL A 230 -23.22 -7.59 -17.42
N LYS A 231 -24.25 -6.95 -17.97
CA LYS A 231 -24.76 -7.23 -19.30
C LYS A 231 -24.14 -6.26 -20.30
N TYR A 232 -23.97 -6.73 -21.53
CA TYR A 232 -23.53 -5.88 -22.63
C TYR A 232 -24.72 -5.60 -23.54
N TRP A 233 -24.84 -4.35 -23.98
CA TRP A 233 -25.96 -3.95 -24.84
C TRP A 233 -25.49 -2.83 -25.76
N LYS A 234 -25.36 -3.14 -27.04
CA LYS A 234 -25.02 -2.18 -28.09
C LYS A 234 -23.80 -1.34 -27.70
N GLY A 235 -22.71 -2.04 -27.41
CA GLY A 235 -21.45 -1.42 -27.06
C GLY A 235 -21.34 -0.93 -25.63
N GLN A 236 -22.34 -1.18 -24.80
CA GLN A 236 -22.41 -0.63 -23.45
C GLN A 236 -22.44 -1.74 -22.40
N HIS A 237 -21.51 -1.67 -21.45
CA HIS A 237 -21.62 -2.46 -20.23
C HIS A 237 -22.73 -1.91 -19.35
N VAL A 238 -23.54 -2.79 -18.78
CA VAL A 238 -24.69 -2.42 -17.97
C VAL A 238 -24.77 -3.37 -16.78
N ILE A 239 -24.92 -2.81 -15.57
CA ILE A 239 -24.99 -3.65 -14.38
C ILE A 239 -26.29 -4.42 -14.37
N CYS A 240 -26.21 -5.71 -14.06
CA CYS A 240 -27.37 -6.60 -14.08
C CYS A 240 -27.26 -7.51 -12.85
N VAL A 241 -27.83 -7.06 -11.74
CA VAL A 241 -27.77 -7.84 -10.51
C VAL A 241 -29.08 -7.64 -9.74
N THR A 242 -29.54 -8.72 -9.12
CA THR A 242 -30.60 -8.76 -8.13
C THR A 242 -29.99 -8.58 -6.74
N PRO A 243 -30.65 -7.83 -5.86
CA PRO A 243 -30.10 -7.62 -4.52
C PRO A 243 -29.85 -8.92 -3.76
N LYS A 244 -30.62 -9.97 -4.07
CA LYS A 244 -30.36 -11.26 -3.43
C LYS A 244 -29.09 -11.89 -3.99
N LEU A 245 -28.80 -11.68 -5.27
CA LEU A 245 -27.55 -12.17 -5.85
C LEU A 245 -26.34 -11.53 -5.19
N VAL A 246 -26.44 -10.23 -4.86
CA VAL A 246 -25.34 -9.51 -4.21
C VAL A 246 -25.03 -10.10 -2.85
N GLU A 247 -26.05 -10.57 -2.11
CA GLU A 247 -25.87 -11.08 -0.77
C GLU A 247 -25.38 -12.52 -0.74
N GLU A 248 -25.89 -13.36 -1.64
CA GLU A 248 -25.30 -14.69 -1.83
C GLU A 248 -23.80 -14.59 -2.01
N HIS A 249 -23.33 -13.49 -2.61
CA HIS A 249 -21.91 -13.30 -2.90
C HIS A 249 -21.17 -12.73 -1.70
N LEU A 250 -21.82 -11.87 -0.92
CA LEU A 250 -21.13 -11.09 0.09
C LEU A 250 -20.97 -11.82 1.42
N LYS A 251 -21.73 -12.89 1.64
CA LYS A 251 -21.55 -13.75 2.81
C LYS A 251 -20.63 -14.93 2.52
N SER A 252 -19.95 -14.93 1.38
CA SER A 252 -19.03 -16.00 1.03
C SER A 252 -17.80 -15.98 1.94
N ALA A 253 -16.85 -16.84 1.61
CA ALA A 253 -15.68 -17.08 2.45
C ALA A 253 -14.86 -15.82 2.68
N GLN A 254 -14.35 -15.23 1.60
CA GLN A 254 -13.28 -14.24 1.74
C GLN A 254 -13.74 -12.94 2.39
N TYR A 255 -15.04 -12.66 2.44
CA TYR A 255 -15.55 -11.41 3.00
C TYR A 255 -15.99 -11.56 4.45
N LYS A 256 -15.36 -12.44 5.23
CA LYS A 256 -15.73 -12.65 6.62
C LYS A 256 -14.62 -12.31 7.60
N LYS A 257 -13.51 -11.76 7.14
CA LYS A 257 -12.45 -11.29 8.03
C LYS A 257 -12.65 -9.82 8.32
N PRO A 258 -12.81 -9.40 9.58
CA PRO A 258 -13.12 -8.01 9.88
C PRO A 258 -11.97 -7.10 9.51
N PRO A 259 -12.18 -6.16 8.57
CA PRO A 259 -11.09 -5.30 8.12
C PRO A 259 -10.63 -4.31 9.19
N ILE A 260 -9.39 -3.86 9.04
CA ILE A 260 -8.98 -2.56 9.57
C ILE A 260 -9.61 -1.50 8.68
N THR A 261 -10.40 -0.62 9.26
CA THR A 261 -11.17 0.34 8.48
C THR A 261 -10.49 1.69 8.45
N VAL A 262 -10.56 2.35 7.30
CA VAL A 262 -10.14 3.75 7.17
C VAL A 262 -11.31 4.63 7.59
N ASP A 263 -11.12 5.40 8.65
CA ASP A 263 -12.14 6.30 9.18
C ASP A 263 -11.80 7.71 8.68
N SER A 264 -12.53 8.17 7.68
CA SER A 264 -12.26 9.47 7.07
C SER A 264 -12.24 10.59 8.09
N VAL A 265 -12.99 10.43 9.20
CA VAL A 265 -12.93 11.39 10.30
C VAL A 265 -11.50 11.59 10.76
N CYS A 266 -10.79 10.49 10.98
CA CYS A 266 -9.42 10.53 11.51
C CYS A 266 -8.38 10.80 10.43
N LEU A 267 -8.77 11.24 9.23
CA LEU A 267 -7.85 11.48 8.13
C LEU A 267 -7.63 12.98 7.99
N LYS A 268 -6.49 13.46 8.49
CA LYS A 268 -6.18 14.88 8.51
C LYS A 268 -5.34 15.22 7.28
N TRP A 269 -6.01 15.31 6.14
CA TRP A 269 -5.34 15.54 4.86
C TRP A 269 -6.21 16.45 3.99
N ALA A 270 -5.56 17.19 3.12
CA ALA A 270 -6.20 18.14 2.22
C ALA A 270 -5.50 18.10 0.86
N PRO A 271 -6.22 18.36 -0.23
CA PRO A 271 -5.63 18.20 -1.57
C PRO A 271 -4.84 19.43 -2.00
N PRO A 272 -3.72 19.25 -2.72
CA PRO A 272 -2.97 20.35 -3.33
C PRO A 272 -3.81 21.12 -4.35
ZN ZN B . 17.75 4.98 13.01
NA NA C . 10.84 -14.65 5.92
C1 GOL D . -7.50 -12.07 -0.95
O1 GOL D . -8.42 -11.18 -0.36
C2 GOL D . -6.48 -12.46 0.11
O2 GOL D . -5.86 -13.67 -0.25
C3 GOL D . -5.41 -11.37 0.18
O3 GOL D . -4.48 -11.72 1.17
C1 GOL E . -20.15 -9.16 -20.86
O1 GOL E . -19.63 -7.89 -20.55
C2 GOL E . -19.03 -10.19 -20.87
O2 GOL E . -18.58 -10.40 -19.55
C3 GOL E . -19.51 -11.51 -21.51
O3 GOL E . -18.48 -12.47 -21.54
C10 O9D F . -0.67 -7.18 0.44
C20 O9D F . -6.25 -7.28 0.79
C21 O9D F . -7.40 -7.15 0.05
C22 O9D F . -8.59 -7.72 0.46
C24 O9D F . -7.47 -8.57 2.42
C01 O9D F . 4.84 -7.50 -1.90
C02 O9D F . 3.58 -6.81 -1.92
C04 O9D F . 1.49 -6.70 -0.62
C05 O9D F . 0.86 -5.79 -1.48
C06 O9D F . -0.54 -5.57 -1.38
C07 O9D F . -1.20 -4.61 -2.30
C08 O9D F . -1.29 -6.28 -0.41
C11 O9D F . 0.69 -7.40 0.35
C12 O9D F . -1.46 -7.95 1.50
C19 O9D F . -6.29 -8.00 1.99
C23 O9D F . -8.61 -8.43 1.65
F09 O9D F . -2.66 -6.06 -0.33
N14 O9D F . -2.83 -8.34 1.23
N15 O9D F . -3.63 -9.03 2.12
O03 O9D F . 2.95 -6.98 -0.66
O13 O9D F . -0.96 -8.22 2.48
O17 O9D F . -5.10 -8.89 4.27
O18 O9D F . -4.29 -6.97 3.47
S16 O9D F . -4.79 -8.20 3.01
#